data_3BGI
#
_entry.id   3BGI
#
_cell.length_a   62.908
_cell.length_b   65.513
_cell.length_c   72.897
_cell.angle_alpha   90.00
_cell.angle_beta   115.29
_cell.angle_gamma   90.00
#
_symmetry.space_group_name_H-M   'P 1 21 1'
#
loop_
_entity.id
_entity.type
_entity.pdbx_description
1 polymer 'Thiopurine S-methyltransferase'
2 non-polymer S-ADENOSYL-L-HOMOCYSTEINE
3 water water
#
_entity_poly.entity_id   1
_entity_poly.type   'polypeptide(L)'
_entity_poly.pdbx_seq_one_letter_code
;MGSSHHHHHHSSGLVPRGSHMSLDMKEHPDAEVQKNQVLTLEDWKEKWVTRHISFHQEQGHQLLKKHLDTFLKGQSGLRV
FFPLCGKAIEMKWFADRGHTVVGVEISEIGIREFFAEQNLSYTEEPLAEIAGAKVFKSSSGSISLYCCSIFDLPRANIGK
FDRIWDRGALVAINPGDHDRYADIILSLLRKEFQYLVAVLSYDPTKHAGPPFYVPSAELKRLFGTKCSMQCLEEVDALEE
RHKAWGLDYLFEKLYLLTEK
;
_entity_poly.pdbx_strand_id   A,B
#
# COMPACT_ATOMS: atom_id res chain seq x y z
N ASP A 30 15.36 14.50 16.86
CA ASP A 30 14.70 15.42 15.87
C ASP A 30 14.09 14.66 14.71
N ALA A 31 14.72 13.57 14.30
CA ALA A 31 14.26 12.78 13.15
C ALA A 31 12.91 12.11 13.39
N GLU A 32 12.54 11.94 14.65
CA GLU A 32 11.32 11.22 15.01
C GLU A 32 10.20 12.16 15.44
N VAL A 33 10.50 13.45 15.55
CA VAL A 33 9.52 14.45 15.99
C VAL A 33 8.24 14.48 15.17
N GLN A 34 8.38 14.38 13.85
CA GLN A 34 7.20 14.37 12.95
C GLN A 34 6.78 12.96 12.56
N LYS A 35 7.30 11.96 13.28
CA LYS A 35 7.17 10.56 12.84
C LYS A 35 5.71 10.11 12.66
N ASN A 36 4.79 10.64 13.45
CA ASN A 36 3.40 10.19 13.37
C ASN A 36 2.50 11.21 12.66
N GLN A 37 3.09 12.21 12.03
CA GLN A 37 2.29 13.23 11.37
C GLN A 37 1.85 12.72 10.00
N VAL A 38 0.57 12.93 9.66
CA VAL A 38 0.03 12.49 8.38
C VAL A 38 -0.81 13.58 7.71
N LEU A 39 -0.77 13.60 6.37
CA LEU A 39 -1.87 14.14 5.55
C LEU A 39 -2.38 12.96 4.75
N THR A 40 -3.69 12.79 4.70
CA THR A 40 -4.24 11.62 4.00
C THR A 40 -4.45 11.97 2.52
N LEU A 41 -4.74 10.99 1.67
CA LEU A 41 -4.97 11.26 0.23
C LEU A 41 -6.15 12.21 0.07
N GLU A 42 -7.18 12.01 0.92
CA GLU A 42 -8.36 12.91 0.88
C GLU A 42 -8.04 14.30 1.34
N ASP A 43 -7.11 14.43 2.30
CA ASP A 43 -6.67 15.73 2.75
C ASP A 43 -6.02 16.51 1.59
N TRP A 44 -5.18 15.81 0.83
CA TRP A 44 -4.50 16.39 -0.33
C TRP A 44 -5.52 16.79 -1.42
N LYS A 45 -6.47 15.90 -1.70
CA LYS A 45 -7.51 16.24 -2.69
C LYS A 45 -8.27 17.49 -2.24
N GLU A 46 -8.56 17.57 -0.94
CA GLU A 46 -9.33 18.73 -0.42
C GLU A 46 -8.55 20.04 -0.49
N LYS A 47 -7.22 19.96 -0.34
CA LYS A 47 -6.40 21.17 -0.48
C LYS A 47 -6.57 21.74 -1.88
N TRP A 48 -6.56 20.86 -2.88
CA TRP A 48 -6.78 21.30 -4.26
C TRP A 48 -8.18 21.83 -4.52
N VAL A 49 -9.19 21.11 -4.05
CA VAL A 49 -10.59 21.55 -4.24
C VAL A 49 -10.84 22.94 -3.66
N THR A 50 -10.33 23.16 -2.48
CA THR A 50 -10.59 24.37 -1.73
C THR A 50 -9.67 25.51 -2.11
N ARG A 51 -8.64 25.21 -2.89
CA ARG A 51 -7.61 26.19 -3.23
C ARG A 51 -6.81 26.54 -1.99
N HIS A 52 -6.68 25.58 -1.09
CA HIS A 52 -5.84 25.72 0.10
C HIS A 52 -4.50 25.04 -0.18
N ILE A 53 -3.95 25.31 -1.35
CA ILE A 53 -2.66 24.75 -1.75
C ILE A 53 -1.86 25.86 -2.39
N SER A 54 -0.59 25.94 -2.05
CA SER A 54 0.20 27.07 -2.50
C SER A 54 1.32 26.63 -3.43
N PHE A 55 1.56 27.43 -4.47
CA PHE A 55 2.64 27.19 -5.42
C PHE A 55 3.51 28.44 -5.52
N HIS A 56 4.55 28.47 -4.71
CA HIS A 56 5.45 29.61 -4.68
C HIS A 56 6.47 29.51 -5.81
N GLN A 57 6.24 28.55 -6.71
CA GLN A 57 7.10 28.30 -7.85
C GLN A 57 6.71 29.17 -9.04
N GLU A 58 7.55 30.15 -9.34
CA GLU A 58 7.25 31.19 -10.32
C GLU A 58 7.93 30.93 -11.68
N GLN A 59 9.25 30.85 -11.68
CA GLN A 59 10.04 30.56 -12.88
C GLN A 59 10.27 29.06 -12.98
N GLY A 60 9.30 28.28 -12.52
CA GLY A 60 9.47 26.83 -12.37
C GLY A 60 9.79 26.53 -10.92
N HIS A 61 11.06 26.21 -10.66
CA HIS A 61 11.58 26.16 -9.31
C HIS A 61 12.67 27.21 -9.16
N GLN A 62 13.79 26.83 -8.54
CA GLN A 62 14.93 27.71 -8.38
C GLN A 62 16.21 27.00 -8.83
N LEU A 63 16.71 26.10 -7.99
CA LEU A 63 17.89 25.29 -8.32
C LEU A 63 17.51 24.24 -9.36
N LEU A 64 16.37 24.44 -10.02
CA LEU A 64 15.91 23.55 -11.06
C LEU A 64 16.93 23.53 -12.18
N LYS A 65 17.01 24.67 -12.87
CA LYS A 65 17.84 24.83 -14.06
C LYS A 65 19.34 24.84 -13.74
N LYS A 66 19.70 25.17 -12.51
CA LYS A 66 21.10 25.25 -12.15
C LYS A 66 21.82 23.91 -12.37
N HIS A 67 21.08 22.80 -12.23
CA HIS A 67 21.69 21.48 -12.32
C HIS A 67 21.04 20.54 -13.35
N LEU A 68 20.25 21.12 -14.26
CA LEU A 68 19.60 20.37 -15.35
C LEU A 68 20.58 19.65 -16.29
N ASP A 69 21.76 20.23 -16.47
CA ASP A 69 22.75 19.65 -17.37
C ASP A 69 23.34 18.40 -16.76
N THR A 70 23.72 18.45 -15.50
CA THR A 70 24.25 17.26 -14.84
C THR A 70 23.17 16.17 -14.81
N PHE A 71 21.92 16.59 -14.68
CA PHE A 71 20.79 15.65 -14.67
C PHE A 71 20.57 14.96 -16.01
N LEU A 72 20.61 15.74 -17.08
CA LEU A 72 20.38 15.17 -18.40
C LEU A 72 21.58 14.36 -18.88
N LYS A 73 22.77 14.72 -18.38
CA LYS A 73 24.00 14.07 -18.82
C LYS A 73 24.01 13.95 -20.35
N GLY A 74 23.60 15.02 -21.02
CA GLY A 74 23.68 15.10 -22.49
C GLY A 74 22.90 14.10 -23.32
N GLN A 75 21.93 13.41 -22.73
CA GLN A 75 21.16 12.40 -23.46
C GLN A 75 19.83 12.93 -24.02
N SER A 76 19.31 12.28 -25.06
CA SER A 76 18.04 12.65 -25.65
C SER A 76 16.96 11.54 -25.63
N GLY A 77 15.68 11.94 -25.65
CA GLY A 77 14.61 10.96 -25.60
C GLY A 77 14.57 10.19 -24.27
N LEU A 78 14.90 10.85 -23.18
CA LEU A 78 14.81 10.24 -21.85
C LEU A 78 13.38 10.02 -21.40
N ARG A 79 13.16 8.99 -20.59
CA ARG A 79 11.83 8.75 -20.01
C ARG A 79 11.96 9.19 -18.56
N VAL A 80 11.16 10.20 -18.18
CA VAL A 80 11.36 10.91 -16.92
C VAL A 80 10.08 10.82 -16.10
N PHE A 81 10.23 10.37 -14.84
CA PHE A 81 9.06 10.25 -13.94
C PHE A 81 9.05 11.36 -12.89
N PHE A 82 7.87 11.95 -12.66
CA PHE A 82 7.70 13.02 -11.66
C PHE A 82 6.73 12.49 -10.60
N PRO A 83 7.24 11.99 -9.45
CA PRO A 83 6.30 11.59 -8.39
C PRO A 83 5.60 12.79 -7.79
N LEU A 84 4.32 12.62 -7.41
CA LEU A 84 3.58 13.70 -6.71
C LEU A 84 3.75 15.01 -7.48
N CYS A 85 3.42 14.97 -8.77
CA CYS A 85 3.87 16.03 -9.69
C CYS A 85 3.12 17.37 -9.58
N GLY A 86 1.91 17.37 -9.00
CA GLY A 86 1.07 18.57 -8.96
C GLY A 86 0.94 19.07 -10.39
N LYS A 87 1.14 20.37 -10.61
CA LYS A 87 1.16 20.90 -11.97
C LYS A 87 2.55 21.46 -12.36
N ALA A 88 3.60 20.73 -11.96
CA ALA A 88 4.98 21.20 -12.10
C ALA A 88 5.29 21.60 -13.55
N ILE A 89 5.75 22.84 -13.73
CA ILE A 89 6.00 23.33 -15.09
C ILE A 89 7.17 22.59 -15.75
N GLU A 90 8.08 22.03 -14.94
CA GLU A 90 9.19 21.26 -15.49
C GLU A 90 8.72 20.12 -16.36
N MET A 91 7.53 19.60 -16.10
CA MET A 91 7.03 18.51 -16.96
C MET A 91 6.90 18.99 -18.40
N LYS A 92 6.46 20.23 -18.58
CA LYS A 92 6.34 20.78 -19.94
C LYS A 92 7.74 21.03 -20.53
N TRP A 93 8.67 21.58 -19.72
CA TRP A 93 10.04 21.81 -20.18
C TRP A 93 10.67 20.55 -20.75
N PHE A 94 10.51 19.43 -20.04
CA PHE A 94 11.10 18.17 -20.53
C PHE A 94 10.39 17.70 -21.81
N ALA A 95 9.07 17.78 -21.81
CA ALA A 95 8.32 17.34 -22.98
C ALA A 95 8.73 18.19 -24.20
N ASP A 96 8.92 19.47 -23.98
CA ASP A 96 9.28 20.37 -25.09
C ASP A 96 10.59 19.99 -25.76
N ARG A 97 11.46 19.33 -24.99
CA ARG A 97 12.79 18.93 -25.40
C ARG A 97 12.88 17.48 -25.87
N GLY A 98 11.73 16.84 -26.08
CA GLY A 98 11.72 15.50 -26.70
C GLY A 98 11.78 14.32 -25.73
N HIS A 99 11.71 14.61 -24.44
CA HIS A 99 11.66 13.53 -23.44
C HIS A 99 10.24 13.10 -23.14
N THR A 100 10.07 11.85 -22.68
CA THR A 100 8.75 11.30 -22.41
C THR A 100 8.54 11.43 -20.94
N VAL A 101 7.40 11.99 -20.58
CA VAL A 101 7.19 12.41 -19.20
C VAL A 101 5.99 11.64 -18.63
N VAL A 102 6.13 11.16 -17.40
CA VAL A 102 5.00 10.51 -16.71
C VAL A 102 4.99 11.09 -15.32
N GLY A 103 3.80 11.46 -14.84
CA GLY A 103 3.66 12.04 -13.48
C GLY A 103 2.59 11.24 -12.77
N VAL A 104 2.59 11.29 -11.44
CA VAL A 104 1.47 10.75 -10.65
C VAL A 104 1.01 11.82 -9.65
N GLU A 105 -0.31 11.99 -9.57
CA GLU A 105 -0.88 13.05 -8.76
C GLU A 105 -2.30 12.62 -8.36
N ILE A 106 -2.58 12.63 -7.06
CA ILE A 106 -3.89 12.18 -6.57
C ILE A 106 -5.03 13.14 -6.98
N SER A 107 -4.72 14.44 -7.12
CA SER A 107 -5.76 15.43 -7.46
C SER A 107 -6.04 15.53 -8.94
N GLU A 108 -7.26 15.15 -9.34
CA GLU A 108 -7.73 15.39 -10.69
C GLU A 108 -7.73 16.86 -11.00
N ILE A 109 -8.07 17.69 -10.02
CA ILE A 109 -8.07 19.15 -10.19
C ILE A 109 -6.68 19.69 -10.58
N GLY A 110 -5.64 19.24 -9.89
CA GLY A 110 -4.28 19.70 -10.19
C GLY A 110 -3.86 19.25 -11.59
N ILE A 111 -4.23 18.04 -11.94
CA ILE A 111 -3.83 17.51 -13.26
C ILE A 111 -4.48 18.34 -14.37
N ARG A 112 -5.78 18.59 -14.23
CA ARG A 112 -6.49 19.42 -15.21
C ARG A 112 -5.91 20.84 -15.29
N GLU A 113 -5.46 21.40 -14.16
CA GLU A 113 -4.86 22.75 -14.15
C GLU A 113 -3.55 22.75 -14.90
N PHE A 114 -2.79 21.67 -14.80
CA PHE A 114 -1.57 21.58 -15.55
C PHE A 114 -1.83 21.75 -17.04
N PHE A 115 -2.74 20.94 -17.59
CA PHE A 115 -2.99 20.97 -19.03
C PHE A 115 -3.52 22.34 -19.45
N ALA A 116 -4.45 22.88 -18.68
CA ALA A 116 -4.90 24.27 -18.89
C ALA A 116 -3.78 25.32 -18.86
N GLU A 117 -2.97 25.34 -17.79
CA GLU A 117 -1.91 26.34 -17.66
C GLU A 117 -0.90 26.20 -18.79
N GLN A 118 -0.61 24.96 -19.15
CA GLN A 118 0.39 24.73 -20.20
C GLN A 118 -0.18 24.76 -21.61
N ASN A 119 -1.47 25.06 -21.70
CA ASN A 119 -2.17 25.20 -22.98
C ASN A 119 -2.05 23.96 -23.88
N LEU A 120 -2.28 22.78 -23.30
CA LEU A 120 -2.17 21.51 -23.98
C LEU A 120 -3.48 20.73 -23.90
N SER A 121 -3.89 20.13 -25.01
CA SER A 121 -5.07 19.28 -25.04
C SER A 121 -4.70 17.89 -24.51
N TYR A 122 -5.70 17.16 -24.03
CA TYR A 122 -5.46 15.85 -23.46
C TYR A 122 -6.68 14.96 -23.54
N THR A 123 -6.41 13.66 -23.45
CA THR A 123 -7.43 12.63 -23.33
C THR A 123 -7.52 12.09 -21.90
N GLU A 124 -8.65 11.48 -21.57
CA GLU A 124 -8.87 10.91 -20.23
C GLU A 124 -9.27 9.45 -20.47
N GLU A 125 -8.64 8.52 -19.76
CA GLU A 125 -9.02 7.12 -19.81
C GLU A 125 -9.03 6.52 -18.41
N PRO A 126 -9.97 5.59 -18.14
CA PRO A 126 -9.94 4.97 -16.82
C PRO A 126 -8.78 4.00 -16.71
N LEU A 127 -8.26 3.77 -15.49
CA LEU A 127 -7.24 2.75 -15.27
C LEU A 127 -7.91 1.45 -14.77
N ALA A 128 -7.78 0.38 -15.55
CA ALA A 128 -8.44 -0.90 -15.23
C ALA A 128 -8.02 -1.46 -13.88
N GLU A 129 -6.75 -1.33 -13.55
CA GLU A 129 -6.19 -2.06 -12.41
C GLU A 129 -6.40 -1.32 -11.08
N ILE A 130 -6.92 -0.10 -11.14
CA ILE A 130 -6.98 0.75 -9.95
C ILE A 130 -8.33 1.43 -9.84
N ALA A 131 -9.09 1.06 -8.82
CA ALA A 131 -10.48 1.49 -8.72
C ALA A 131 -10.59 3.00 -8.73
N GLY A 132 -11.40 3.51 -9.66
CA GLY A 132 -11.66 4.93 -9.70
C GLY A 132 -10.56 5.77 -10.33
N ALA A 133 -9.44 5.17 -10.67
CA ALA A 133 -8.28 5.90 -11.19
C ALA A 133 -8.41 6.23 -12.69
N LYS A 134 -7.65 7.22 -13.14
CA LYS A 134 -7.74 7.63 -14.54
C LYS A 134 -6.34 8.00 -15.01
N VAL A 135 -6.09 7.98 -16.32
CA VAL A 135 -4.86 8.59 -16.81
C VAL A 135 -5.18 9.70 -17.81
N PHE A 136 -4.47 10.83 -17.67
CA PHE A 136 -4.66 11.99 -18.54
C PHE A 136 -3.41 12.15 -19.40
N LYS A 137 -3.55 12.15 -20.72
CA LYS A 137 -2.38 12.15 -21.59
C LYS A 137 -2.49 13.24 -22.61
N SER A 138 -1.41 13.98 -22.82
CA SER A 138 -1.37 14.98 -23.87
C SER A 138 -1.74 14.33 -25.20
N SER A 139 -2.24 15.12 -26.12
CA SER A 139 -2.77 14.57 -27.37
C SER A 139 -1.78 13.76 -28.22
N SER A 140 -0.49 14.08 -28.16
CA SER A 140 0.51 13.29 -28.88
C SER A 140 1.38 12.41 -27.97
N GLY A 141 0.96 12.30 -26.71
CA GLY A 141 1.54 11.31 -25.80
C GLY A 141 2.81 11.64 -25.06
N SER A 142 3.35 12.83 -25.22
CA SER A 142 4.62 13.08 -24.51
C SER A 142 4.45 13.23 -22.97
N ILE A 143 3.24 13.56 -22.50
CA ILE A 143 3.02 13.69 -21.04
C ILE A 143 1.83 12.84 -20.62
N SER A 144 2.02 11.94 -19.63
CA SER A 144 0.94 11.06 -19.14
C SER A 144 0.91 11.32 -17.64
N LEU A 145 -0.22 11.82 -17.11
CA LEU A 145 -0.36 12.07 -15.68
C LEU A 145 -1.39 11.11 -15.13
N TYR A 146 -0.94 10.23 -14.26
CA TYR A 146 -1.77 9.20 -13.64
C TYR A 146 -2.44 9.78 -12.41
N CYS A 147 -3.77 9.68 -12.36
CA CYS A 147 -4.52 10.23 -11.28
C CYS A 147 -4.87 9.09 -10.34
N CYS A 148 -4.00 8.92 -9.34
CA CYS A 148 -4.11 7.80 -8.40
C CYS A 148 -3.02 8.03 -7.36
N SER A 149 -3.02 7.19 -6.34
CA SER A 149 -1.95 7.25 -5.34
C SER A 149 -0.65 6.68 -5.89
N ILE A 150 0.48 7.31 -5.58
CA ILE A 150 1.76 6.71 -5.95
C ILE A 150 1.88 5.26 -5.45
N PHE A 151 1.25 4.95 -4.32
CA PHE A 151 1.36 3.60 -3.76
C PHE A 151 0.58 2.55 -4.52
N ASP A 152 -0.35 3.03 -5.34
CA ASP A 152 -1.11 2.14 -6.23
C ASP A 152 -0.46 1.98 -7.63
N LEU A 153 0.44 2.90 -7.99
CA LEU A 153 1.10 2.86 -9.31
C LEU A 153 1.64 1.52 -9.81
N PRO A 154 2.28 0.71 -8.94
CA PRO A 154 2.77 -0.58 -9.40
C PRO A 154 1.74 -1.34 -10.27
N ARG A 155 0.47 -1.30 -9.89
CA ARG A 155 -0.59 -2.04 -10.58
C ARG A 155 -0.93 -1.49 -11.95
N ALA A 156 -0.42 -0.31 -12.28
CA ALA A 156 -0.77 0.34 -13.54
C ALA A 156 0.17 -0.05 -14.67
N ASN A 157 1.22 -0.78 -14.33
CA ASN A 157 2.17 -1.31 -15.31
C ASN A 157 2.73 -0.23 -16.19
N ILE A 158 3.33 0.78 -15.57
CA ILE A 158 3.91 1.90 -16.33
C ILE A 158 5.37 1.75 -16.76
N GLY A 159 6.00 0.63 -16.46
CA GLY A 159 7.39 0.44 -16.85
C GLY A 159 8.38 1.16 -15.97
N LYS A 160 9.57 1.41 -16.51
CA LYS A 160 10.66 2.00 -15.72
C LYS A 160 11.22 3.23 -16.43
N PHE A 161 12.09 3.94 -15.74
CA PHE A 161 12.51 5.28 -16.13
C PHE A 161 14.01 5.48 -16.08
N ASP A 162 14.49 6.33 -16.98
CA ASP A 162 15.91 6.71 -17.05
C ASP A 162 16.20 7.78 -15.99
N ARG A 163 15.16 8.55 -15.63
CA ARG A 163 15.33 9.74 -14.80
C ARG A 163 14.12 9.87 -13.89
N ILE A 164 14.35 10.23 -12.64
CA ILE A 164 13.26 10.64 -11.74
C ILE A 164 13.57 12.02 -11.17
N TRP A 165 12.59 12.92 -11.24
CA TRP A 165 12.72 14.30 -10.75
C TRP A 165 11.85 14.46 -9.49
N ASP A 166 12.47 14.76 -8.35
CA ASP A 166 11.78 14.68 -7.07
C ASP A 166 12.03 16.00 -6.35
N ARG A 167 11.17 16.96 -6.61
CA ARG A 167 11.19 18.24 -5.92
C ARG A 167 9.83 18.25 -5.23
N GLY A 168 9.86 18.40 -3.92
CA GLY A 168 8.61 18.51 -3.21
C GLY A 168 7.96 17.16 -2.94
N ALA A 169 8.35 16.10 -3.65
CA ALA A 169 7.63 14.83 -3.52
C ALA A 169 8.06 14.05 -2.27
N LEU A 170 9.34 13.69 -2.18
CA LEU A 170 9.82 13.01 -0.95
C LEU A 170 9.46 13.80 0.31
N VAL A 171 9.66 15.12 0.28
CA VAL A 171 9.33 15.91 1.47
C VAL A 171 7.82 16.09 1.71
N ALA A 172 6.98 15.74 0.73
CA ALA A 172 5.52 15.75 0.93
C ALA A 172 4.96 14.45 1.52
N ILE A 173 5.70 13.36 1.37
CA ILE A 173 5.27 12.04 1.81
C ILE A 173 5.21 11.99 3.34
N ASN A 174 4.20 11.33 3.91
CA ASN A 174 4.13 11.20 5.37
C ASN A 174 5.37 10.46 5.84
N PRO A 175 6.00 10.93 6.92
CA PRO A 175 7.20 10.23 7.41
C PRO A 175 7.03 8.74 7.56
N GLY A 176 5.87 8.31 8.04
CA GLY A 176 5.57 6.89 8.23
C GLY A 176 5.54 6.06 6.94
N ASP A 177 5.39 6.74 5.81
CA ASP A 177 5.30 6.10 4.51
C ASP A 177 6.64 6.20 3.74
N HIS A 178 7.72 6.69 4.37
CA HIS A 178 9.02 6.78 3.66
C HIS A 178 9.50 5.49 3.01
N ASP A 179 9.45 4.38 3.76
CA ASP A 179 9.99 3.14 3.23
C ASP A 179 9.17 2.66 2.06
N ARG A 180 7.85 2.79 2.18
CA ARG A 180 6.92 2.39 1.12
C ARG A 180 7.22 3.23 -0.16
N TYR A 181 7.40 4.52 0.04
CA TYR A 181 7.74 5.40 -1.10
C TYR A 181 9.07 5.06 -1.73
N ALA A 182 10.09 4.88 -0.91
CA ALA A 182 11.42 4.56 -1.44
C ALA A 182 11.36 3.30 -2.27
N ASP A 183 10.64 2.29 -1.80
CA ASP A 183 10.59 1.03 -2.50
C ASP A 183 9.98 1.16 -3.89
N ILE A 184 8.93 1.96 -3.97
CA ILE A 184 8.29 2.29 -5.25
C ILE A 184 9.22 3.06 -6.14
N ILE A 185 9.85 4.11 -5.62
CA ILE A 185 10.84 4.84 -6.43
C ILE A 185 11.89 3.89 -7.00
N LEU A 186 12.50 3.07 -6.14
CA LEU A 186 13.56 2.18 -6.63
C LEU A 186 13.05 1.20 -7.70
N SER A 187 11.81 0.78 -7.57
CA SER A 187 11.21 -0.19 -8.49
C SER A 187 10.95 0.44 -9.86
N LEU A 188 10.95 1.76 -9.91
CA LEU A 188 10.67 2.44 -11.16
C LEU A 188 11.93 2.86 -11.91
N LEU A 189 13.10 2.61 -11.34
CA LEU A 189 14.38 2.98 -11.98
C LEU A 189 14.94 1.89 -12.93
N ARG A 190 15.43 2.33 -14.09
CA ARG A 190 16.21 1.44 -14.97
C ARG A 190 17.56 1.17 -14.36
N LYS A 191 18.34 0.30 -15.01
CA LYS A 191 19.58 -0.16 -14.40
C LYS A 191 20.53 0.99 -14.35
N GLU A 192 20.52 1.82 -15.40
CA GLU A 192 21.23 3.07 -15.36
C GLU A 192 20.22 4.19 -15.17
N PHE A 193 20.48 5.10 -14.23
CA PHE A 193 19.51 6.14 -13.93
C PHE A 193 20.15 7.36 -13.27
N GLN A 194 19.42 8.46 -13.26
CA GLN A 194 19.77 9.61 -12.47
C GLN A 194 18.50 10.00 -11.74
N TYR A 195 18.60 10.15 -10.43
CA TYR A 195 17.43 10.51 -9.60
C TYR A 195 17.80 11.78 -8.85
N LEU A 196 17.09 12.86 -9.15
CA LEU A 196 17.39 14.16 -8.55
C LEU A 196 16.36 14.38 -7.46
N VAL A 197 16.83 14.60 -6.23
CA VAL A 197 15.89 14.74 -5.11
C VAL A 197 16.33 15.87 -4.20
N ALA A 198 15.38 16.75 -3.87
CA ALA A 198 15.63 17.90 -3.01
C ALA A 198 15.02 17.62 -1.64
N VAL A 199 15.75 17.98 -0.57
CA VAL A 199 15.24 17.83 0.79
C VAL A 199 15.44 19.13 1.55
N LEU A 200 14.72 19.29 2.65
CA LEU A 200 14.71 20.55 3.40
C LEU A 200 15.18 20.33 4.82
N SER A 201 16.07 21.21 5.27
CA SER A 201 16.48 21.14 6.66
C SER A 201 15.90 22.29 7.45
N TYR A 202 15.17 21.97 8.49
CA TYR A 202 14.61 22.96 9.40
C TYR A 202 14.34 22.32 10.75
N ASP A 203 14.01 23.14 11.75
CA ASP A 203 13.70 22.63 13.08
C ASP A 203 12.31 22.01 13.08
N PRO A 204 12.20 20.67 13.19
CA PRO A 204 10.87 20.03 13.05
C PRO A 204 9.88 20.40 14.14
N THR A 205 10.36 20.93 15.27
CA THR A 205 9.46 21.33 16.35
C THR A 205 8.79 22.68 16.05
N LYS A 206 9.29 23.39 15.04
CA LYS A 206 8.76 24.69 14.64
C LYS A 206 7.55 24.61 13.71
N HIS A 207 7.33 23.45 13.08
CA HIS A 207 6.41 23.35 11.95
C HIS A 207 6.03 21.90 11.73
N ALA A 208 4.73 21.63 11.69
CA ALA A 208 4.22 20.31 11.37
C ALA A 208 4.13 20.28 9.86
N GLY A 209 4.66 19.22 9.24
CA GLY A 209 4.86 19.22 7.78
C GLY A 209 3.50 19.02 7.19
N PRO A 210 3.40 18.99 5.85
CA PRO A 210 4.42 19.06 4.81
C PRO A 210 4.81 20.51 4.46
N PRO A 211 5.98 20.70 3.84
CA PRO A 211 6.98 19.68 3.61
C PRO A 211 7.58 19.21 4.94
N PHE A 212 7.90 17.92 5.00
CA PHE A 212 8.44 17.32 6.20
C PHE A 212 9.96 17.52 6.26
N TYR A 213 10.49 17.44 7.47
CA TYR A 213 11.96 17.48 7.65
C TYR A 213 12.53 16.14 7.25
N VAL A 214 13.39 16.12 6.23
CA VAL A 214 14.04 14.87 5.77
C VAL A 214 15.54 15.14 5.80
N PRO A 215 16.22 14.66 6.85
CA PRO A 215 17.68 14.83 6.92
C PRO A 215 18.44 13.91 5.98
N SER A 216 19.67 14.27 5.69
CA SER A 216 20.55 13.44 4.87
C SER A 216 20.60 12.00 5.36
N ALA A 217 20.64 11.80 6.68
CA ALA A 217 20.66 10.45 7.25
C ALA A 217 19.46 9.61 6.79
N GLU A 218 18.31 10.25 6.64
CA GLU A 218 17.09 9.56 6.20
C GLU A 218 17.17 9.23 4.70
N LEU A 219 17.68 10.17 3.92
CA LEU A 219 17.81 9.92 2.49
C LEU A 219 18.73 8.72 2.31
N LYS A 220 19.82 8.73 3.07
CA LYS A 220 20.78 7.61 3.07
C LYS A 220 20.15 6.28 3.51
N ARG A 221 19.39 6.29 4.60
CA ARG A 221 18.68 5.10 5.05
C ARG A 221 17.81 4.52 3.95
N LEU A 222 17.13 5.38 3.22
CA LEU A 222 16.16 4.94 2.22
C LEU A 222 16.78 4.46 0.92
N PHE A 223 17.82 5.15 0.46
CA PHE A 223 18.34 4.91 -0.87
C PHE A 223 19.80 4.49 -0.96
N GLY A 224 20.54 4.58 0.15
CA GLY A 224 22.00 4.38 0.11
C GLY A 224 22.50 2.98 -0.24
N THR A 225 21.70 1.97 0.07
CA THR A 225 22.04 0.59 -0.24
C THR A 225 22.07 0.38 -1.73
N LYS A 226 21.14 1.02 -2.42
CA LYS A 226 20.98 0.79 -3.84
C LYS A 226 21.53 1.92 -4.74
N CYS A 227 21.80 3.09 -4.16
CA CYS A 227 22.22 4.25 -4.95
C CYS A 227 23.48 4.88 -4.41
N SER A 228 24.33 5.31 -5.33
CA SER A 228 25.36 6.27 -5.08
C SER A 228 24.72 7.67 -4.86
N MET A 229 25.22 8.43 -3.90
CA MET A 229 24.63 9.74 -3.55
C MET A 229 25.64 10.86 -3.57
N GLN A 230 25.30 11.95 -4.24
CA GLN A 230 26.14 13.14 -4.28
C GLN A 230 25.34 14.38 -3.91
N CYS A 231 25.78 15.17 -2.93
CA CYS A 231 25.13 16.43 -2.65
C CYS A 231 25.63 17.40 -3.68
N LEU A 232 24.71 17.95 -4.47
CA LEU A 232 25.08 18.89 -5.51
C LEU A 232 25.19 20.30 -4.97
N GLU A 233 24.37 20.62 -3.98
CA GLU A 233 24.20 22.00 -3.58
C GLU A 233 23.43 22.06 -2.28
N GLU A 234 23.86 22.93 -1.38
CA GLU A 234 23.08 23.26 -0.21
C GLU A 234 22.90 24.76 -0.24
N VAL A 235 21.66 25.23 -0.18
CA VAL A 235 21.42 26.67 -0.15
C VAL A 235 20.54 27.08 1.01
N ASP A 236 20.73 28.31 1.46
CA ASP A 236 19.95 28.85 2.55
C ASP A 236 18.62 29.34 1.99
N ALA A 237 17.55 28.64 2.33
CA ALA A 237 16.24 28.90 1.72
C ALA A 237 15.30 29.70 2.62
N LEU A 238 15.82 30.21 3.74
CA LEU A 238 15.00 30.98 4.67
C LEU A 238 14.60 32.31 4.05
N GLU A 239 13.29 32.57 4.00
CA GLU A 239 12.80 33.80 3.39
C GLU A 239 11.53 34.36 4.06
N GLU A 240 10.60 34.81 3.22
CA GLU A 240 9.44 35.57 3.67
C GLU A 240 8.40 34.73 4.41
N ARG A 241 7.65 33.90 3.67
CA ARG A 241 6.47 33.20 4.22
C ARG A 241 6.77 32.27 5.40
N HIS A 242 8.05 32.06 5.67
CA HIS A 242 8.47 31.26 6.82
C HIS A 242 8.51 32.11 8.09
N LYS A 243 8.04 33.35 7.97
CA LYS A 243 7.82 34.23 9.11
C LYS A 243 6.60 33.77 9.93
N ALA A 244 5.59 33.24 9.25
CA ALA A 244 4.44 32.63 9.92
C ALA A 244 4.59 31.12 10.05
N TRP A 245 5.59 30.56 9.36
CA TRP A 245 6.01 29.18 9.57
C TRP A 245 6.71 29.12 10.91
N GLY A 246 7.41 30.20 11.24
CA GLY A 246 8.08 30.33 12.53
C GLY A 246 9.42 29.63 12.56
N LEU A 247 10.08 29.60 11.40
CA LEU A 247 11.40 28.98 11.26
C LEU A 247 12.56 29.98 11.37
N ASP A 248 13.52 29.66 12.22
CA ASP A 248 14.76 30.42 12.35
C ASP A 248 15.79 30.12 11.23
N TYR A 249 15.67 28.95 10.63
CA TYR A 249 16.58 28.54 9.55
C TYR A 249 15.87 27.59 8.59
N LEU A 250 16.32 27.58 7.34
CA LEU A 250 15.79 26.67 6.35
C LEU A 250 16.82 26.47 5.25
N PHE A 251 17.34 25.24 5.16
CA PHE A 251 18.29 24.94 4.11
C PHE A 251 17.70 23.88 3.23
N GLU A 252 17.92 24.05 1.94
CA GLU A 252 17.53 23.02 0.99
C GLU A 252 18.76 22.39 0.36
N LYS A 253 18.80 21.05 0.34
CA LYS A 253 19.92 20.35 -0.26
C LYS A 253 19.42 19.58 -1.47
N LEU A 254 20.16 19.64 -2.56
CA LEU A 254 19.82 18.89 -3.77
C LEU A 254 20.79 17.71 -3.89
N TYR A 255 20.26 16.52 -4.04
CA TYR A 255 21.11 15.36 -4.18
C TYR A 255 20.89 14.73 -5.53
N LEU A 256 21.96 14.12 -6.05
CA LEU A 256 21.87 13.35 -7.29
C LEU A 256 22.21 11.90 -6.98
N LEU A 257 21.25 11.02 -7.22
CA LEU A 257 21.41 9.61 -6.94
C LEU A 257 21.57 8.86 -8.25
N THR A 258 22.53 7.94 -8.27
CA THR A 258 22.80 7.13 -9.46
C THR A 258 23.11 5.70 -9.02
N GLU A 259 23.23 4.79 -9.96
CA GLU A 259 23.41 3.37 -9.62
C GLU A 259 24.72 3.17 -8.86
N LYS A 260 24.69 2.25 -7.90
CA LYS A 260 25.88 1.89 -7.11
C LYS A 260 27.04 1.44 -8.00
N ASP B 30 14.84 -14.99 1.70
CA ASP B 30 14.91 -13.53 1.42
C ASP B 30 13.53 -12.91 1.20
N ALA B 31 13.30 -11.82 1.92
CA ALA B 31 12.02 -11.15 1.95
C ALA B 31 11.60 -10.64 0.58
N GLU B 32 12.56 -10.49 -0.32
CA GLU B 32 12.29 -9.85 -1.60
C GLU B 32 12.07 -10.81 -2.76
N VAL B 33 12.39 -12.09 -2.54
CA VAL B 33 12.27 -13.08 -3.60
C VAL B 33 10.89 -13.02 -4.29
N GLN B 34 9.83 -13.17 -3.50
CA GLN B 34 8.48 -13.28 -4.06
C GLN B 34 7.78 -11.93 -4.27
N LYS B 35 8.51 -10.82 -4.16
CA LYS B 35 7.88 -9.51 -4.11
C LYS B 35 7.00 -9.17 -5.33
N ASN B 36 7.33 -9.73 -6.50
CA ASN B 36 6.58 -9.43 -7.72
C ASN B 36 5.59 -10.53 -8.08
N GLN B 37 5.47 -11.55 -7.23
CA GLN B 37 4.51 -12.62 -7.51
C GLN B 37 3.07 -12.16 -7.24
N VAL B 38 2.17 -12.52 -8.14
CA VAL B 38 0.80 -12.01 -8.10
C VAL B 38 -0.17 -13.11 -8.55
N LEU B 39 -1.16 -13.42 -7.72
CA LEU B 39 -2.39 -14.10 -8.16
C LEU B 39 -3.46 -13.03 -8.22
N THR B 40 -4.17 -12.96 -9.33
CA THR B 40 -5.17 -11.93 -9.45
C THR B 40 -6.49 -12.44 -8.87
N LEU B 41 -7.49 -11.56 -8.78
CA LEU B 41 -8.82 -11.93 -8.29
C LEU B 41 -9.41 -13.01 -9.17
N GLU B 42 -9.12 -12.91 -10.48
CA GLU B 42 -9.69 -13.87 -11.41
C GLU B 42 -8.99 -15.23 -11.28
N ASP B 43 -7.71 -15.19 -10.97
CA ASP B 43 -6.95 -16.43 -10.72
C ASP B 43 -7.57 -17.14 -9.53
N TRP B 44 -7.86 -16.40 -8.46
CA TRP B 44 -8.50 -17.02 -7.27
C TRP B 44 -9.88 -17.61 -7.59
N LYS B 45 -10.71 -16.85 -8.30
CA LYS B 45 -12.03 -17.36 -8.72
C LYS B 45 -11.87 -18.64 -9.54
N GLU B 46 -10.89 -18.65 -10.45
CA GLU B 46 -10.69 -19.83 -11.33
C GLU B 46 -10.23 -21.03 -10.53
N LYS B 47 -9.45 -20.81 -9.47
CA LYS B 47 -9.00 -21.94 -8.66
C LYS B 47 -10.21 -22.65 -8.08
N TRP B 48 -11.18 -21.86 -7.63
CA TRP B 48 -12.42 -22.44 -7.11
C TRP B 48 -13.23 -23.10 -8.20
N VAL B 49 -13.41 -22.42 -9.32
CA VAL B 49 -14.26 -22.99 -10.38
C VAL B 49 -13.71 -24.34 -10.85
N THR B 50 -12.39 -24.47 -10.94
CA THR B 50 -11.74 -25.65 -11.48
C THR B 50 -11.47 -26.70 -10.44
N ARG B 51 -11.80 -26.38 -9.19
CA ARG B 51 -11.51 -27.26 -8.06
C ARG B 51 -10.00 -27.47 -7.89
N HIS B 52 -9.20 -26.47 -8.26
CA HIS B 52 -7.75 -26.47 -8.05
C HIS B 52 -7.50 -25.64 -6.80
N ILE B 53 -8.27 -25.88 -5.76
CA ILE B 53 -7.99 -25.23 -4.50
C ILE B 53 -8.18 -26.25 -3.41
N SER B 54 -7.22 -26.28 -2.50
CA SER B 54 -7.17 -27.28 -1.46
C SER B 54 -7.61 -26.64 -0.15
N PHE B 55 -8.21 -27.46 0.70
CA PHE B 55 -8.73 -26.98 1.96
C PHE B 55 -8.03 -27.63 3.15
N HIS B 56 -7.67 -26.79 4.10
CA HIS B 56 -6.97 -27.21 5.30
C HIS B 56 -7.94 -27.08 6.46
N GLN B 57 -9.14 -27.60 6.22
CA GLN B 57 -10.18 -27.62 7.23
C GLN B 57 -9.80 -28.74 8.17
N GLU B 58 -9.21 -29.80 7.60
CA GLU B 58 -8.67 -30.92 8.36
C GLU B 58 -7.90 -30.42 9.58
N GLN B 59 -8.62 -30.34 10.71
CA GLN B 59 -8.09 -29.80 11.97
C GLN B 59 -7.15 -28.59 11.84
N GLY B 60 -7.12 -27.97 10.66
CA GLY B 60 -6.30 -26.78 10.42
C GLY B 60 -6.36 -25.84 11.62
N HIS B 61 -5.19 -25.43 12.11
CA HIS B 61 -5.08 -24.80 13.43
C HIS B 61 -5.39 -25.89 14.45
N GLN B 62 -4.48 -26.85 14.56
CA GLN B 62 -4.67 -28.06 15.37
C GLN B 62 -4.84 -27.77 16.86
N LEU B 63 -3.79 -27.27 17.51
CA LEU B 63 -3.86 -26.90 18.92
C LEU B 63 -4.75 -25.67 19.13
N LEU B 64 -5.67 -25.47 18.18
CA LEU B 64 -6.76 -24.51 18.29
C LEU B 64 -7.33 -24.63 19.69
N LYS B 65 -7.58 -25.87 20.10
CA LYS B 65 -8.05 -26.21 21.44
C LYS B 65 -7.03 -25.74 22.49
N LYS B 66 -6.49 -24.54 22.29
CA LYS B 66 -5.51 -23.96 23.21
C LYS B 66 -5.45 -22.44 23.11
N HIS B 67 -5.34 -21.91 21.90
CA HIS B 67 -5.27 -20.45 21.75
C HIS B 67 -6.63 -19.81 21.51
N LEU B 68 -7.63 -20.64 21.25
CA LEU B 68 -8.98 -20.17 21.06
C LEU B 68 -9.54 -19.51 22.33
N ASP B 69 -9.12 -19.99 23.50
CA ASP B 69 -9.60 -19.39 24.74
C ASP B 69 -8.90 -18.07 25.03
N THR B 70 -7.61 -17.98 24.69
CA THR B 70 -6.90 -16.72 24.77
C THR B 70 -7.60 -15.65 23.91
N PHE B 71 -8.09 -16.07 22.75
CA PHE B 71 -8.73 -15.17 21.78
C PHE B 71 -10.07 -14.66 22.27
N LEU B 72 -10.88 -15.57 22.80
CA LEU B 72 -12.18 -15.19 23.29
C LEU B 72 -12.02 -14.23 24.48
N LYS B 73 -10.96 -14.45 25.26
CA LYS B 73 -10.74 -13.62 26.44
C LYS B 73 -12.02 -13.66 27.30
N GLY B 74 -12.66 -14.82 27.31
CA GLY B 74 -13.88 -15.03 28.08
C GLY B 74 -15.03 -14.07 27.77
N GLN B 75 -15.03 -13.45 26.59
CA GLN B 75 -16.10 -12.51 26.22
C GLN B 75 -17.25 -13.20 25.46
N SER B 76 -18.42 -12.61 25.54
CA SER B 76 -19.58 -13.12 24.83
C SER B 76 -20.06 -12.06 23.84
N GLY B 77 -20.76 -12.48 22.78
CA GLY B 77 -21.29 -11.56 21.79
C GLY B 77 -20.24 -10.75 21.05
N LEU B 78 -19.08 -11.36 20.79
CA LEU B 78 -18.03 -10.65 20.03
C LEU B 78 -18.41 -10.48 18.55
N ARG B 79 -17.89 -9.44 17.92
CA ARG B 79 -18.01 -9.27 16.48
C ARG B 79 -16.69 -9.70 15.86
N VAL B 80 -16.74 -10.70 14.98
CA VAL B 80 -15.49 -11.35 14.51
C VAL B 80 -15.39 -11.24 12.99
N PHE B 81 -14.26 -10.75 12.49
CA PHE B 81 -14.04 -10.64 11.03
C PHE B 81 -13.06 -11.70 10.55
N PHE B 82 -13.41 -12.38 9.44
CA PHE B 82 -12.59 -13.40 8.79
C PHE B 82 -12.17 -12.93 7.40
N PRO B 83 -10.98 -12.31 7.29
CA PRO B 83 -10.55 -11.92 5.95
C PRO B 83 -10.29 -13.15 5.06
N LEU B 84 -10.65 -13.05 3.77
CA LEU B 84 -10.27 -14.10 2.80
C LEU B 84 -10.76 -15.45 3.36
N CYS B 85 -12.02 -15.45 3.76
CA CYS B 85 -12.54 -16.53 4.62
C CYS B 85 -12.73 -17.91 3.96
N GLY B 86 -12.79 -17.96 2.63
CA GLY B 86 -13.10 -19.25 1.98
C GLY B 86 -14.39 -19.83 2.58
N LYS B 87 -14.37 -21.10 2.93
CA LYS B 87 -15.52 -21.73 3.62
C LYS B 87 -15.06 -22.20 5.00
N ALA B 88 -14.21 -21.39 5.63
CA ALA B 88 -13.66 -21.73 6.94
C ALA B 88 -14.72 -22.19 7.98
N ILE B 89 -14.55 -23.39 8.53
CA ILE B 89 -15.57 -23.93 9.46
C ILE B 89 -15.61 -23.15 10.77
N GLU B 90 -14.49 -22.50 11.11
CA GLU B 90 -14.52 -21.62 12.30
C GLU B 90 -15.61 -20.55 12.31
N MET B 91 -16.03 -20.09 11.14
CA MET B 91 -17.10 -19.12 11.12
C MET B 91 -18.36 -19.71 11.74
N LYS B 92 -18.64 -20.99 11.46
CA LYS B 92 -19.85 -21.61 12.03
C LYS B 92 -19.66 -21.80 13.54
N TRP B 93 -18.45 -22.21 13.94
CA TRP B 93 -18.11 -22.38 15.36
C TRP B 93 -18.40 -21.13 16.16
N PHE B 94 -17.94 -19.98 15.65
CA PHE B 94 -18.16 -18.71 16.32
C PHE B 94 -19.62 -18.32 16.35
N ALA B 95 -20.31 -18.49 15.21
CA ALA B 95 -21.74 -18.21 15.17
C ALA B 95 -22.53 -19.08 16.17
N ASP B 96 -22.12 -20.33 16.33
CA ASP B 96 -22.85 -21.29 17.20
C ASP B 96 -22.78 -20.81 18.64
N ARG B 97 -21.73 -20.08 18.93
CA ARG B 97 -21.55 -19.57 20.29
C ARG B 97 -22.00 -18.14 20.54
N GLY B 98 -22.83 -17.61 19.67
CA GLY B 98 -23.43 -16.31 19.90
C GLY B 98 -22.64 -15.10 19.44
N HIS B 99 -21.52 -15.32 18.77
CA HIS B 99 -20.74 -14.24 18.17
C HIS B 99 -21.24 -13.88 16.78
N THR B 100 -21.05 -12.63 16.37
CA THR B 100 -21.51 -12.14 15.08
C THR B 100 -20.31 -12.22 14.13
N VAL B 101 -20.52 -12.86 13.00
CA VAL B 101 -19.39 -13.19 12.12
C VAL B 101 -19.55 -12.45 10.80
N VAL B 102 -18.45 -11.87 10.31
CA VAL B 102 -18.44 -11.35 8.94
C VAL B 102 -17.18 -11.87 8.23
N GLY B 103 -17.32 -12.27 6.96
CA GLY B 103 -16.18 -12.69 6.21
C GLY B 103 -16.19 -11.98 4.87
N VAL B 104 -15.05 -12.00 4.21
CA VAL B 104 -14.98 -11.51 2.82
C VAL B 104 -14.26 -12.56 1.95
N GLU B 105 -14.81 -12.82 0.76
CA GLU B 105 -14.31 -13.92 -0.09
C GLU B 105 -14.72 -13.63 -1.55
N ILE B 106 -13.75 -13.60 -2.46
CA ILE B 106 -14.04 -13.21 -3.84
C ILE B 106 -14.87 -14.28 -4.59
N SER B 107 -14.70 -15.54 -4.19
CA SER B 107 -15.41 -16.65 -4.81
C SER B 107 -16.83 -16.87 -4.29
N GLU B 108 -17.81 -16.64 -5.16
CA GLU B 108 -19.19 -16.96 -4.88
C GLU B 108 -19.35 -18.47 -4.69
N ILE B 109 -18.57 -19.26 -5.42
CA ILE B 109 -18.56 -20.70 -5.20
C ILE B 109 -18.18 -21.05 -3.75
N GLY B 110 -17.11 -20.44 -3.22
CA GLY B 110 -16.68 -20.78 -1.85
C GLY B 110 -17.77 -20.44 -0.83
N ILE B 111 -18.39 -19.30 -1.03
CA ILE B 111 -19.38 -18.76 -0.10
C ILE B 111 -20.59 -19.70 -0.09
N ARG B 112 -21.02 -20.12 -1.29
CA ARG B 112 -22.24 -20.96 -1.33
C ARG B 112 -21.92 -22.32 -0.75
N GLU B 113 -20.70 -22.78 -0.97
CA GLU B 113 -20.27 -24.07 -0.39
C GLU B 113 -20.18 -24.01 1.13
N PHE B 114 -19.81 -22.87 1.69
CA PHE B 114 -19.84 -22.72 3.15
C PHE B 114 -21.25 -22.98 3.69
N PHE B 115 -22.25 -22.29 3.13
CA PHE B 115 -23.64 -22.42 3.61
C PHE B 115 -24.15 -23.85 3.40
N ALA B 116 -23.79 -24.44 2.26
CA ALA B 116 -24.16 -25.84 2.06
C ALA B 116 -23.50 -26.81 3.04
N GLU B 117 -22.19 -26.71 3.24
CA GLU B 117 -21.53 -27.67 4.11
C GLU B 117 -21.97 -27.49 5.56
N GLN B 118 -22.29 -26.26 5.92
CA GLN B 118 -22.68 -25.96 7.30
C GLN B 118 -24.19 -26.09 7.52
N ASN B 119 -24.89 -26.44 6.44
CA ASN B 119 -26.34 -26.68 6.44
C ASN B 119 -27.14 -25.47 6.97
N LEU B 120 -26.85 -24.28 6.44
CA LEU B 120 -27.51 -23.04 6.81
C LEU B 120 -28.17 -22.45 5.60
N SER B 121 -29.39 -21.94 5.78
CA SER B 121 -30.06 -21.13 4.77
C SER B 121 -29.51 -19.69 4.73
N TYR B 122 -29.64 -19.06 3.58
CA TYR B 122 -29.10 -17.72 3.46
C TYR B 122 -29.83 -16.89 2.44
N THR B 123 -29.70 -15.58 2.61
CA THR B 123 -30.22 -14.64 1.63
C THR B 123 -29.06 -14.12 0.79
N GLU B 124 -29.35 -13.59 -0.38
CA GLU B 124 -28.32 -12.92 -1.20
C GLU B 124 -28.83 -11.53 -1.59
N GLU B 125 -27.98 -10.52 -1.52
CA GLU B 125 -28.39 -9.18 -1.97
C GLU B 125 -27.21 -8.48 -2.64
N PRO B 126 -27.49 -7.61 -3.62
CA PRO B 126 -26.35 -6.91 -4.21
C PRO B 126 -25.82 -5.81 -3.29
N LEU B 127 -24.53 -5.51 -3.40
CA LEU B 127 -23.96 -4.33 -2.79
C LEU B 127 -23.89 -3.30 -3.88
N ALA B 128 -24.68 -2.24 -3.76
CA ALA B 128 -24.73 -1.22 -4.80
C ALA B 128 -23.41 -0.46 -4.92
N GLU B 129 -22.71 -0.32 -3.80
CA GLU B 129 -21.51 0.51 -3.71
C GLU B 129 -20.27 -0.10 -4.38
N ILE B 130 -20.38 -1.36 -4.79
CA ILE B 130 -19.31 -2.07 -5.46
C ILE B 130 -19.92 -2.91 -6.56
N ALA B 131 -19.52 -2.65 -7.80
CA ALA B 131 -20.22 -3.21 -8.94
C ALA B 131 -20.10 -4.73 -9.01
N GLY B 132 -21.24 -5.38 -9.21
CA GLY B 132 -21.25 -6.82 -9.29
C GLY B 132 -21.09 -7.49 -7.92
N ALA B 133 -20.85 -6.73 -6.86
CA ALA B 133 -20.66 -7.38 -5.54
C ALA B 133 -21.99 -7.80 -4.89
N LYS B 134 -21.91 -8.72 -3.94
CA LYS B 134 -23.08 -9.35 -3.36
C LYS B 134 -22.73 -9.64 -1.90
N VAL B 135 -23.73 -9.63 -1.02
CA VAL B 135 -23.54 -10.10 0.36
C VAL B 135 -24.48 -11.30 0.57
N PHE B 136 -23.96 -12.34 1.20
CA PHE B 136 -24.73 -13.53 1.54
C PHE B 136 -24.82 -13.64 3.06
N LYS B 137 -26.04 -13.75 3.58
CA LYS B 137 -26.25 -13.71 5.04
C LYS B 137 -27.07 -14.87 5.50
N SER B 138 -26.66 -15.47 6.62
CA SER B 138 -27.47 -16.57 7.16
C SER B 138 -28.86 -16.02 7.49
N SER B 139 -29.85 -16.91 7.51
CA SER B 139 -31.25 -16.48 7.68
C SER B 139 -31.52 -15.60 8.90
N SER B 140 -30.76 -15.80 9.97
CA SER B 140 -31.01 -15.01 11.19
C SER B 140 -29.90 -14.00 11.43
N GLY B 141 -29.02 -13.84 10.45
CA GLY B 141 -28.02 -12.78 10.47
C GLY B 141 -26.70 -13.03 11.19
N SER B 142 -26.48 -14.22 11.78
CA SER B 142 -25.24 -14.49 12.53
C SER B 142 -24.01 -14.33 11.64
N ILE B 143 -24.16 -14.67 10.36
CA ILE B 143 -22.99 -14.81 9.47
C ILE B 143 -23.25 -14.06 8.19
N SER B 144 -22.37 -13.11 7.85
CA SER B 144 -22.54 -12.32 6.60
C SER B 144 -21.26 -12.44 5.84
N LEU B 145 -21.33 -12.94 4.61
CA LEU B 145 -20.17 -13.19 3.76
C LEU B 145 -20.26 -12.26 2.56
N TYR B 146 -19.31 -11.36 2.48
CA TYR B 146 -19.27 -10.34 1.43
C TYR B 146 -18.49 -10.92 0.26
N CYS B 147 -19.15 -10.99 -0.89
CA CYS B 147 -18.54 -11.56 -2.08
C CYS B 147 -18.01 -10.40 -2.91
N CYS B 148 -16.75 -10.08 -2.65
CA CYS B 148 -16.07 -8.91 -3.24
C CYS B 148 -14.59 -9.00 -2.85
N SER B 149 -13.80 -8.04 -3.33
CA SER B 149 -12.40 -8.00 -2.96
C SER B 149 -12.26 -7.39 -1.57
N ILE B 150 -11.38 -7.93 -0.74
CA ILE B 150 -11.14 -7.29 0.52
C ILE B 150 -10.76 -5.79 0.35
N PHE B 151 -10.09 -5.46 -0.75
CA PHE B 151 -9.60 -4.08 -0.95
C PHE B 151 -10.68 -3.09 -1.28
N ASP B 152 -11.86 -3.59 -1.62
CA ASP B 152 -13.02 -2.76 -1.89
C ASP B 152 -13.96 -2.63 -0.69
N LEU B 153 -13.71 -3.42 0.36
CA LEU B 153 -14.56 -3.44 1.53
C LEU B 153 -14.81 -2.09 2.19
N PRO B 154 -13.80 -1.20 2.20
CA PRO B 154 -14.10 0.07 2.84
C PRO B 154 -15.37 0.73 2.28
N ARG B 155 -15.64 0.50 1.00
CA ARG B 155 -16.81 1.10 0.38
C ARG B 155 -18.11 0.50 0.82
N ALA B 156 -18.04 -0.61 1.55
CA ALA B 156 -19.25 -1.19 2.11
C ALA B 156 -19.54 -0.70 3.53
N ASN B 157 -18.64 0.12 4.09
CA ASN B 157 -18.76 0.58 5.49
C ASN B 157 -19.40 -0.47 6.41
N ILE B 158 -18.66 -1.54 6.70
CA ILE B 158 -19.22 -2.68 7.41
C ILE B 158 -19.01 -2.55 8.91
N GLY B 159 -18.52 -1.39 9.32
CA GLY B 159 -18.24 -1.16 10.72
C GLY B 159 -16.97 -1.84 11.14
N LYS B 160 -16.82 -2.05 12.44
CA LYS B 160 -15.56 -2.56 12.98
C LYS B 160 -15.80 -3.77 13.88
N PHE B 161 -14.70 -4.31 14.39
CA PHE B 161 -14.68 -5.64 14.97
C PHE B 161 -13.90 -5.69 16.28
N ASP B 162 -14.36 -6.53 17.20
CA ASP B 162 -13.67 -6.84 18.43
C ASP B 162 -12.51 -7.79 18.14
N ARG B 163 -12.66 -8.61 17.10
CA ARG B 163 -11.73 -9.70 16.86
C ARG B 163 -11.53 -9.90 15.37
N ILE B 164 -10.31 -10.23 14.98
CA ILE B 164 -10.06 -10.63 13.57
C ILE B 164 -9.31 -11.95 13.60
N TRP B 165 -9.78 -12.90 12.80
CA TRP B 165 -9.21 -14.25 12.72
C TRP B 165 -8.55 -14.40 11.37
N ASP B 166 -7.23 -14.56 11.37
CA ASP B 166 -6.44 -14.46 10.12
C ASP B 166 -5.58 -15.70 10.03
N ARG B 167 -6.23 -16.77 9.58
CA ARG B 167 -5.60 -18.04 9.29
C ARG B 167 -5.65 -18.05 7.77
N GLY B 168 -4.48 -18.06 7.17
CA GLY B 168 -4.38 -18.24 5.75
C GLY B 168 -4.47 -16.97 4.93
N ALA B 169 -5.03 -15.89 5.48
CA ALA B 169 -5.39 -14.69 4.71
C ALA B 169 -4.16 -13.81 4.42
N LEU B 170 -3.51 -13.33 5.47
CA LEU B 170 -2.26 -12.56 5.26
C LEU B 170 -1.25 -13.29 4.36
N VAL B 171 -1.10 -14.60 4.57
CA VAL B 171 -0.16 -15.36 3.76
C VAL B 171 -0.66 -15.63 2.34
N ALA B 172 -1.94 -15.39 2.07
CA ALA B 172 -2.50 -15.58 0.71
C ALA B 172 -2.41 -14.30 -0.10
N ILE B 173 -2.28 -13.15 0.58
CA ILE B 173 -2.22 -11.84 -0.08
C ILE B 173 -0.96 -11.72 -0.94
N ASN B 174 -1.07 -11.06 -2.09
CA ASN B 174 0.14 -10.81 -2.90
C ASN B 174 1.12 -9.96 -2.08
N PRO B 175 2.42 -10.32 -2.05
CA PRO B 175 3.36 -9.49 -1.30
C PRO B 175 3.24 -8.02 -1.61
N GLY B 176 3.03 -7.68 -2.88
CA GLY B 176 2.90 -6.25 -3.25
C GLY B 176 1.65 -5.56 -2.74
N ASP B 177 0.71 -6.35 -2.18
CA ASP B 177 -0.53 -5.80 -1.63
C ASP B 177 -0.51 -5.80 -0.09
N HIS B 178 0.63 -6.14 0.52
CA HIS B 178 0.71 -6.20 2.00
C HIS B 178 0.31 -4.88 2.67
N ASP B 179 0.83 -3.75 2.17
CA ASP B 179 0.51 -2.46 2.81
C ASP B 179 -0.97 -2.17 2.70
N ARG B 180 -1.53 -2.43 1.52
CA ARG B 180 -2.96 -2.18 1.34
C ARG B 180 -3.77 -3.03 2.29
N TYR B 181 -3.35 -4.29 2.43
CA TYR B 181 -4.06 -5.24 3.28
C TYR B 181 -4.00 -4.76 4.72
N ALA B 182 -2.81 -4.36 5.17
CA ALA B 182 -2.67 -3.94 6.56
C ALA B 182 -3.53 -2.70 6.85
N ASP B 183 -3.60 -1.78 5.89
CA ASP B 183 -4.42 -0.61 6.10
C ASP B 183 -5.90 -0.94 6.29
N ILE B 184 -6.40 -1.90 5.49
CA ILE B 184 -7.79 -2.35 5.64
C ILE B 184 -8.00 -3.00 6.98
N ILE B 185 -7.12 -3.91 7.34
CA ILE B 185 -7.23 -4.61 8.63
C ILE B 185 -7.24 -3.59 9.77
N LEU B 186 -6.29 -2.65 9.78
CA LEU B 186 -6.21 -1.68 10.87
C LEU B 186 -7.50 -0.85 10.95
N SER B 187 -8.06 -0.50 9.81
CA SER B 187 -9.31 0.28 9.76
C SER B 187 -10.52 -0.46 10.32
N LEU B 188 -10.45 -1.79 10.42
CA LEU B 188 -11.60 -2.60 10.86
C LEU B 188 -11.56 -2.95 12.32
N LEU B 189 -10.51 -2.52 13.02
CA LEU B 189 -10.35 -2.82 14.42
C LEU B 189 -10.93 -1.74 15.34
N ARG B 190 -11.73 -2.19 16.29
CA ARG B 190 -12.19 -1.33 17.39
C ARG B 190 -11.01 -0.94 18.24
N LYS B 191 -11.21 0.01 19.16
CA LYS B 191 -10.10 0.49 19.99
C LYS B 191 -9.44 -0.63 20.79
N GLU B 192 -10.25 -1.50 21.38
CA GLU B 192 -9.78 -2.70 22.04
C GLU B 192 -10.06 -3.88 21.09
N PHE B 193 -9.06 -4.71 20.86
CA PHE B 193 -9.19 -5.77 19.87
C PHE B 193 -8.21 -6.89 20.15
N GLN B 194 -8.49 -8.08 19.58
CA GLN B 194 -7.51 -9.13 19.48
C GLN B 194 -7.51 -9.59 18.03
N TYR B 195 -6.32 -9.65 17.44
CA TYR B 195 -6.13 -10.04 16.04
C TYR B 195 -5.16 -11.23 16.03
N LEU B 196 -5.67 -12.39 15.64
CA LEU B 196 -4.89 -13.61 15.64
C LEU B 196 -4.45 -13.84 14.22
N VAL B 197 -3.14 -13.94 14.01
CA VAL B 197 -2.62 -14.07 12.65
C VAL B 197 -1.51 -15.10 12.61
N ALA B 198 -1.63 -16.01 11.65
CA ALA B 198 -0.64 -17.07 11.46
C ALA B 198 0.24 -16.75 10.27
N VAL B 199 1.56 -16.89 10.43
CA VAL B 199 2.50 -16.71 9.31
C VAL B 199 3.35 -17.97 9.12
N LEU B 200 4.12 -18.00 8.04
CA LEU B 200 4.74 -19.22 7.54
C LEU B 200 6.17 -18.91 7.15
N SER B 201 7.11 -19.72 7.63
CA SER B 201 8.51 -19.50 7.31
C SER B 201 8.99 -20.68 6.47
N TYR B 202 9.52 -20.39 5.30
CA TYR B 202 10.10 -21.41 4.45
C TYR B 202 11.05 -20.75 3.47
N ASP B 203 11.82 -21.51 2.73
CA ASP B 203 12.73 -20.90 1.77
C ASP B 203 11.93 -20.41 0.57
N PRO B 204 11.78 -19.08 0.41
CA PRO B 204 10.94 -18.54 -0.66
C PRO B 204 11.40 -18.90 -2.07
N THR B 205 12.65 -19.32 -2.22
CA THR B 205 13.14 -19.73 -3.54
C THR B 205 12.58 -21.09 -3.96
N LYS B 206 12.14 -21.88 -2.97
CA LYS B 206 11.68 -23.27 -3.20
C LYS B 206 10.21 -23.45 -3.55
N HIS B 207 9.43 -22.38 -3.52
CA HIS B 207 8.00 -22.49 -3.72
C HIS B 207 7.51 -21.09 -4.05
N ALA B 208 6.80 -20.96 -5.16
CA ALA B 208 6.14 -19.72 -5.48
C ALA B 208 4.81 -19.75 -4.74
N GLY B 209 4.51 -18.69 -3.99
CA GLY B 209 3.32 -18.69 -3.12
C GLY B 209 2.12 -18.62 -4.04
N PRO B 210 0.92 -18.60 -3.48
CA PRO B 210 0.53 -18.78 -2.07
C PRO B 210 0.60 -20.20 -1.54
N PRO B 211 0.67 -20.35 -0.20
CA PRO B 211 0.90 -19.25 0.76
C PRO B 211 2.29 -18.65 0.59
N PHE B 212 2.39 -17.32 0.78
CA PHE B 212 3.64 -16.58 0.62
C PHE B 212 4.42 -16.63 1.92
N TYR B 213 5.73 -16.51 1.79
CA TYR B 213 6.63 -16.35 2.93
C TYR B 213 6.50 -14.95 3.58
N VAL B 214 6.01 -14.91 4.80
CA VAL B 214 5.81 -13.66 5.52
C VAL B 214 6.60 -13.77 6.80
N PRO B 215 7.81 -13.17 6.84
CA PRO B 215 8.57 -13.22 8.08
C PRO B 215 8.03 -12.32 9.21
N SER B 216 8.51 -12.57 10.42
CA SER B 216 8.16 -11.75 11.57
C SER B 216 8.45 -10.28 11.33
N ALA B 217 9.58 -9.99 10.66
CA ALA B 217 9.95 -8.61 10.32
C ALA B 217 8.85 -7.90 9.51
N GLU B 218 8.22 -8.68 8.62
CA GLU B 218 7.18 -8.13 7.74
C GLU B 218 5.91 -7.90 8.55
N LEU B 219 5.58 -8.84 9.43
CA LEU B 219 4.43 -8.61 10.30
C LEU B 219 4.62 -7.34 11.16
N LYS B 220 5.83 -7.19 11.70
CA LYS B 220 6.19 -5.98 12.49
C LYS B 220 6.08 -4.71 11.66
N ARG B 221 6.57 -4.74 10.42
CA ARG B 221 6.52 -3.55 9.57
C ARG B 221 5.07 -3.12 9.36
N LEU B 222 4.20 -4.10 9.09
CA LEU B 222 2.81 -3.81 8.74
C LEU B 222 1.94 -3.37 9.93
N PHE B 223 2.19 -3.96 11.09
CA PHE B 223 1.31 -3.78 12.24
C PHE B 223 1.93 -3.21 13.52
N GLY B 224 3.25 -3.20 13.58
CA GLY B 224 3.97 -2.91 14.85
C GLY B 224 3.69 -1.52 15.45
N THR B 225 3.44 -0.54 14.60
CA THR B 225 3.21 0.83 15.08
C THR B 225 1.90 0.94 15.87
N LYS B 226 0.88 0.25 15.38
CA LYS B 226 -0.46 0.32 15.97
C LYS B 226 -0.82 -0.84 16.89
N CYS B 227 -0.03 -1.92 16.88
CA CYS B 227 -0.36 -3.09 17.70
C CYS B 227 0.81 -3.59 18.56
N SER B 228 0.48 -4.05 19.78
CA SER B 228 1.37 -4.89 20.54
C SER B 228 1.35 -6.27 19.88
N MET B 229 2.47 -6.99 19.89
CA MET B 229 2.58 -8.27 19.21
C MET B 229 3.16 -9.32 20.14
N GLN B 230 2.50 -10.48 20.21
CA GLN B 230 2.99 -11.58 21.03
C GLN B 230 3.02 -12.85 20.19
N CYS B 231 4.19 -13.48 20.09
CA CYS B 231 4.25 -14.76 19.42
C CYS B 231 3.71 -15.79 20.40
N LEU B 232 2.63 -16.46 20.03
CA LEU B 232 2.02 -17.42 20.93
C LEU B 232 2.65 -18.78 20.76
N GLU B 233 3.17 -19.06 19.58
CA GLU B 233 3.60 -20.42 19.29
C GLU B 233 4.32 -20.52 17.96
N GLU B 234 5.36 -21.34 17.93
CA GLU B 234 5.97 -21.73 16.69
C GLU B 234 5.91 -23.26 16.57
N VAL B 235 5.52 -23.78 15.41
CA VAL B 235 5.56 -25.23 15.19
C VAL B 235 6.25 -25.64 13.88
N ASP B 236 6.94 -26.78 13.92
CA ASP B 236 7.52 -27.37 12.73
C ASP B 236 6.38 -28.04 11.97
N ALA B 237 6.02 -27.47 10.83
CA ALA B 237 4.88 -27.96 10.06
C ALA B 237 5.30 -28.98 9.01
N LEU B 238 6.61 -29.08 8.74
CA LEU B 238 7.14 -29.99 7.73
C LEU B 238 6.64 -31.42 7.97
N GLU B 239 6.10 -32.04 6.93
CA GLU B 239 5.45 -33.34 7.06
C GLU B 239 5.39 -34.05 5.71
N GLU B 240 4.17 -34.25 5.21
CA GLU B 240 3.97 -34.82 3.87
C GLU B 240 2.68 -34.29 3.22
N ARG B 241 1.95 -33.46 3.94
CA ARG B 241 0.79 -32.76 3.38
C ARG B 241 1.27 -31.52 2.62
N HIS B 242 2.43 -31.02 3.02
CA HIS B 242 3.03 -29.84 2.44
C HIS B 242 4.27 -30.20 1.63
N LYS B 243 4.82 -31.37 1.91
CA LYS B 243 6.10 -31.76 1.31
C LYS B 243 5.94 -32.16 -0.16
N ALA B 244 4.78 -31.83 -0.74
CA ALA B 244 4.64 -31.84 -2.17
C ALA B 244 5.45 -30.67 -2.72
N TRP B 245 5.46 -29.57 -1.97
CA TRP B 245 6.19 -28.36 -2.37
C TRP B 245 7.70 -28.58 -2.45
N GLY B 246 8.18 -29.62 -1.77
CA GLY B 246 9.60 -29.98 -1.81
C GLY B 246 10.47 -29.03 -1.01
N LEU B 247 10.00 -28.72 0.20
CA LEU B 247 10.65 -27.75 1.07
C LEU B 247 11.58 -28.44 2.05
N ASP B 248 12.73 -27.82 2.29
CA ASP B 248 13.67 -28.30 3.32
C ASP B 248 13.14 -28.09 4.75
N TYR B 249 12.41 -27.00 4.95
CA TYR B 249 11.86 -26.69 6.26
C TYR B 249 10.59 -25.84 6.10
N LEU B 250 9.74 -25.91 7.11
CA LEU B 250 8.48 -25.15 7.15
C LEU B 250 8.03 -24.97 8.59
N PHE B 251 8.08 -23.74 9.09
CA PHE B 251 7.57 -23.43 10.40
C PHE B 251 6.38 -22.47 10.32
N GLU B 252 5.36 -22.76 11.13
CA GLU B 252 4.23 -21.86 11.29
C GLU B 252 4.32 -21.14 12.62
N LYS B 253 4.11 -19.83 12.61
CA LYS B 253 4.05 -19.08 13.87
C LYS B 253 2.72 -18.39 14.00
N LEU B 254 2.21 -18.32 15.22
CA LEU B 254 0.91 -17.73 15.47
C LEU B 254 1.15 -16.51 16.33
N TYR B 255 0.66 -15.35 15.90
CA TYR B 255 0.82 -14.13 16.66
C TYR B 255 -0.52 -13.65 17.17
N LEU B 256 -0.52 -13.04 18.36
CA LEU B 256 -1.69 -12.33 18.85
C LEU B 256 -1.35 -10.84 18.93
N LEU B 257 -2.11 -10.05 18.19
CA LEU B 257 -1.91 -8.60 18.16
C LEU B 257 -3.05 -7.96 18.93
N THR B 258 -2.69 -6.97 19.75
CA THR B 258 -3.64 -6.24 20.58
C THR B 258 -3.30 -4.73 20.58
N GLU B 259 -4.13 -3.93 21.26
CA GLU B 259 -3.93 -2.47 21.30
C GLU B 259 -2.55 -2.12 21.84
N LYS B 260 -1.91 -1.14 21.19
CA LYS B 260 -0.60 -0.66 21.62
C LYS B 260 -0.77 0.33 22.76
N SAH C . 5.98 18.01 -6.78
CA SAH C . 4.98 19.08 -7.01
CB SAH C . 3.91 19.14 -5.88
CG SAH C . 4.41 18.91 -4.41
SD SAH C . 3.09 18.91 -3.09
C SAH C . 5.66 20.44 -7.13
O SAH C . 6.66 20.71 -6.47
OXT SAH C . 5.16 21.29 -7.90
C5' SAH C . 2.60 17.16 -3.14
C4' SAH C . 1.66 16.85 -4.32
O4' SAH C . 1.45 15.44 -4.19
C3' SAH C . 0.28 17.50 -4.16
O3' SAH C . -0.18 17.95 -5.46
C2' SAH C . -0.62 16.38 -3.62
O2' SAH C . -1.98 16.42 -4.10
C1' SAH C . 0.02 15.12 -4.19
N9 SAH C . 0.06 13.84 -3.38
C8 SAH C . 0.29 13.73 -2.07
N7 SAH C . 0.35 12.44 -1.74
C5 SAH C . 0.19 11.71 -2.85
C6 SAH C . 0.16 10.34 -3.13
N6 SAH C . 0.33 9.40 -2.16
N1 SAH C . 0.00 9.94 -4.40
C2 SAH C . -0.17 10.82 -5.38
N3 SAH C . -0.15 12.13 -5.13
C4 SAH C . 0.02 12.60 -3.89
N SAH D . -8.97 -18.44 5.14
CA SAH D . -9.54 -19.49 4.28
CB SAH D . -9.06 -19.43 2.80
CG SAH D . -7.53 -19.21 2.54
SD SAH D . -6.94 -19.13 0.77
C SAH D . -9.17 -20.83 4.93
O SAH D . -8.09 -20.89 5.53
OXT SAH D . -9.91 -21.81 4.84
C5' SAH D . -7.32 -17.39 0.24
C4' SAH D . -8.82 -17.18 0.04
O4' SAH D . -8.97 -15.76 -0.28
C3' SAH D . -9.34 -17.94 -1.17
O3' SAH D . -10.64 -18.53 -0.85
C2' SAH D . -9.44 -16.83 -2.27
O2' SAH D . -10.52 -17.03 -3.24
C1' SAH D . -9.80 -15.61 -1.47
N9 SAH D . -9.19 -14.33 -1.91
C8 SAH D . -7.94 -14.17 -2.38
N7 SAH D . -7.70 -12.87 -2.58
C5 SAH D . -8.81 -12.20 -2.19
C6 SAH D . -9.20 -10.86 -2.15
N6 SAH D . -8.40 -9.84 -2.55
N1 SAH D . -10.42 -10.58 -1.65
C2 SAH D . -11.29 -11.51 -1.27
N3 SAH D . -10.95 -12.79 -1.28
C4 SAH D . -9.75 -13.16 -1.77
#